data_7NX1
#
_entry.id   7NX1
#
_cell.length_a   55.040
_cell.length_b   54.460
_cell.length_c   55.010
_cell.angle_alpha   90.000
_cell.angle_beta   111.284
_cell.angle_gamma   90.000
#
_symmetry.space_group_name_H-M   'P 1 21 1'
#
loop_
_entity.id
_entity.type
_entity.pdbx_description
1 polymer 'Leukocyte tyrosine kinase receptor'
2 non-polymer 'TERBIUM(III) ION'
3 non-polymer 2-[BIS-(2-HYDROXY-ETHYL)-AMINO]-2-HYDROXYMETHYL-PROPANE-1,3-DIOL
4 water water
#
_entity_poly.entity_id   1
_entity_poly.type   'polypeptide(L)'
_entity_poly.pdbx_seq_one_letter_code
;GTEGSWLFSTCGASGRHGPTQTQCDGAYAGTSVVVTVGAAGQLRGVQLWRVPGPGQYLISAYGAAGGKGAKNHLSRAHGV
FVSAIFSLGLGESLYILVGQQGEDACPGGSPESQLVCLGESRAVEEHAAMDGSEGVPGSRRWAGGGGGGGGATYVFRVRA
GELEPLLVAAGGGGRAYLRPRDRGRTQASPEKLENRSEAPGSGGRGGAAGGGGGWTSRAPSPQAGRSLQEGAEGGQGCSE
AWATLGWAAAGGFGGGGGACTAGGGGGGYRGGDASETDNLWADGEDGVSFIHPSSELFLQPLAVTENHGEVEIRRHGTDE
VD
;
_entity_poly.pdbx_strand_id   A
#
# COMPACT_ATOMS: atom_id res chain seq x y z
N GLY A 4 -18.50 -8.59 17.59
CA GLY A 4 -18.10 -7.23 17.28
C GLY A 4 -16.77 -7.12 16.54
N SER A 5 -16.77 -7.53 15.27
CA SER A 5 -15.56 -7.51 14.44
C SER A 5 -15.91 -7.11 13.01
N TRP A 6 -15.03 -6.31 12.40
CA TRP A 6 -15.24 -5.73 11.08
C TRP A 6 -13.96 -5.95 10.28
N LEU A 7 -14.07 -6.66 9.16
N LEU A 7 -14.09 -6.61 9.12
CA LEU A 7 -12.94 -7.01 8.32
CA LEU A 7 -12.95 -7.03 8.30
C LEU A 7 -13.03 -6.25 7.01
C LEU A 7 -13.00 -6.32 6.96
N PHE A 8 -11.94 -5.58 6.65
CA PHE A 8 -11.85 -4.79 5.43
C PHE A 8 -10.75 -5.37 4.54
N SER A 9 -11.02 -5.40 3.23
CA SER A 9 -10.12 -5.97 2.25
C SER A 9 -9.95 -5.01 1.08
N THR A 10 -9.27 -5.42 0.02
CA THR A 10 -9.22 -4.63 -1.20
C THR A 10 -10.47 -4.80 -2.04
N CYS A 11 -11.46 -5.56 -1.56
CA CYS A 11 -12.73 -5.73 -2.26
C CYS A 11 -12.56 -6.40 -3.61
N GLY A 12 -11.48 -7.18 -3.77
CA GLY A 12 -11.18 -7.84 -5.02
C GLY A 12 -10.35 -7.03 -6.00
N ALA A 13 -9.99 -5.80 -5.64
CA ALA A 13 -9.18 -4.96 -6.49
C ALA A 13 -7.71 -5.29 -6.33
N SER A 14 -6.96 -5.02 -7.41
CA SER A 14 -5.53 -5.26 -7.46
C SER A 14 -4.93 -4.18 -8.35
N GLY A 15 -3.61 -4.09 -8.31
CA GLY A 15 -2.92 -3.13 -9.14
C GLY A 15 -2.85 -1.76 -8.49
N ARG A 16 -2.61 -0.76 -9.34
CA ARG A 16 -2.34 0.60 -8.87
C ARG A 16 -3.58 1.37 -8.45
N HIS A 17 -4.77 0.96 -8.88
CA HIS A 17 -6.02 1.66 -8.61
C HIS A 17 -6.83 0.92 -7.57
N GLY A 18 -7.49 1.68 -6.67
CA GLY A 18 -8.29 1.08 -5.62
C GLY A 18 -9.65 0.62 -6.11
N PRO A 19 -10.41 0.02 -5.19
CA PRO A 19 -11.72 -0.55 -5.55
C PRO A 19 -12.78 0.49 -5.83
N THR A 20 -13.83 0.02 -6.51
CA THR A 20 -15.05 0.76 -6.73
C THR A 20 -16.08 0.42 -5.65
N GLN A 21 -17.12 1.26 -5.57
CA GLN A 21 -18.23 0.96 -4.68
C GLN A 21 -18.83 -0.41 -4.95
N THR A 22 -19.05 -0.74 -6.22
CA THR A 22 -19.68 -2.02 -6.54
C THR A 22 -18.81 -3.19 -6.10
N GLN A 23 -17.49 -3.06 -6.25
CA GLN A 23 -16.60 -4.12 -5.79
C GLN A 23 -16.73 -4.33 -4.29
N CYS A 24 -16.74 -3.25 -3.50
CA CYS A 24 -16.85 -3.42 -2.05
C CYS A 24 -18.25 -3.90 -1.66
N ASP A 25 -19.30 -3.42 -2.31
CA ASP A 25 -20.64 -3.93 -2.01
C ASP A 25 -20.68 -5.45 -2.19
N GLY A 26 -20.05 -5.93 -3.26
CA GLY A 26 -20.02 -7.37 -3.49
C GLY A 26 -19.17 -8.10 -2.46
N ALA A 27 -18.00 -7.56 -2.14
CA ALA A 27 -17.12 -8.23 -1.20
C ALA A 27 -17.70 -8.30 0.20
N TYR A 28 -18.45 -7.28 0.59
CA TYR A 28 -18.97 -7.19 1.95
C TYR A 28 -20.39 -7.70 2.10
N ALA A 29 -20.99 -8.20 1.04
CA ALA A 29 -22.35 -8.70 1.12
C ALA A 29 -22.41 -9.88 2.08
N GLY A 30 -23.36 -9.82 3.02
CA GLY A 30 -23.50 -10.83 4.04
C GLY A 30 -22.56 -10.70 5.22
N THR A 31 -21.75 -9.65 5.27
CA THR A 31 -20.82 -9.42 6.37
C THR A 31 -21.29 -8.22 7.19
N SER A 32 -20.56 -7.97 8.29
CA SER A 32 -20.85 -6.86 9.19
C SER A 32 -20.49 -5.50 8.62
N VAL A 33 -19.82 -5.43 7.48
CA VAL A 33 -19.23 -4.20 7.00
C VAL A 33 -20.09 -3.55 5.93
N VAL A 34 -20.25 -2.23 6.06
CA VAL A 34 -20.78 -1.34 5.04
C VAL A 34 -19.80 -0.19 4.91
N VAL A 35 -19.42 0.17 3.68
CA VAL A 35 -18.55 1.31 3.45
C VAL A 35 -19.06 2.14 2.28
N THR A 36 -18.70 3.41 2.29
CA THR A 36 -18.83 4.29 1.13
C THR A 36 -17.44 4.50 0.53
N VAL A 37 -17.29 4.20 -0.74
CA VAL A 37 -15.99 4.23 -1.39
C VAL A 37 -15.88 5.53 -2.18
N GLY A 38 -14.78 6.24 -1.99
CA GLY A 38 -14.55 7.46 -2.74
C GLY A 38 -14.53 7.15 -4.21
N ALA A 39 -15.25 7.96 -5.00
CA ALA A 39 -15.38 7.71 -6.43
C ALA A 39 -14.33 8.44 -7.25
N ALA A 40 -13.75 9.51 -6.74
CA ALA A 40 -12.75 10.25 -7.49
C ALA A 40 -11.99 11.18 -6.56
N GLY A 41 -10.97 11.82 -7.13
CA GLY A 41 -10.19 12.75 -6.35
C GLY A 41 -9.32 12.03 -5.34
N GLN A 42 -8.92 12.79 -4.32
CA GLN A 42 -7.94 12.33 -3.35
C GLN A 42 -8.43 11.12 -2.57
N LEU A 43 -9.73 10.83 -2.56
CA LEU A 43 -10.23 9.69 -1.79
C LEU A 43 -10.74 8.53 -2.66
N ARG A 44 -10.48 8.54 -3.98
N ARG A 44 -10.44 8.52 -3.95
CA ARG A 44 -10.91 7.41 -4.81
CA ARG A 44 -10.86 7.42 -4.83
C ARG A 44 -10.33 6.11 -4.26
C ARG A 44 -10.30 6.08 -4.33
N GLY A 45 -11.20 5.12 -4.07
CA GLY A 45 -10.78 3.81 -3.58
C GLY A 45 -10.62 3.70 -2.08
N VAL A 46 -10.80 4.79 -1.36
CA VAL A 46 -10.71 4.81 0.10
C VAL A 46 -12.09 4.50 0.64
N GLN A 47 -12.14 3.67 1.69
CA GLN A 47 -13.39 3.15 2.25
C GLN A 47 -13.74 3.92 3.51
N LEU A 48 -14.91 4.57 3.50
CA LEU A 48 -15.39 5.33 4.65
C LEU A 48 -16.34 4.46 5.46
N TRP A 49 -16.00 4.23 6.74
CA TRP A 49 -16.71 3.35 7.64
C TRP A 49 -17.24 4.14 8.82
N ARG A 50 -18.52 4.02 9.11
CA ARG A 50 -19.07 4.72 10.26
C ARG A 50 -18.87 3.90 11.54
N VAL A 51 -18.26 4.53 12.53
CA VAL A 51 -18.00 3.83 13.79
C VAL A 51 -19.32 3.61 14.52
N PRO A 52 -19.64 2.38 14.93
CA PRO A 52 -21.01 2.08 15.39
C PRO A 52 -21.37 2.61 16.77
N GLY A 53 -20.39 3.01 17.57
CA GLY A 53 -20.62 3.50 18.90
C GLY A 53 -19.31 3.94 19.52
N PRO A 54 -19.39 4.71 20.59
CA PRO A 54 -18.17 5.17 21.25
C PRO A 54 -17.47 4.02 21.96
N GLY A 55 -16.17 4.21 22.16
CA GLY A 55 -15.40 3.31 22.98
C GLY A 55 -14.06 3.00 22.39
N GLN A 56 -13.37 2.06 23.01
CA GLN A 56 -12.07 1.62 22.53
C GLN A 56 -12.16 0.48 21.53
N TYR A 57 -11.31 0.56 20.51
CA TYR A 57 -11.26 -0.40 19.44
C TYR A 57 -9.81 -0.76 19.16
N LEU A 58 -9.58 -2.04 18.92
CA LEU A 58 -8.30 -2.51 18.40
C LEU A 58 -8.36 -2.48 16.88
N ILE A 59 -7.39 -1.79 16.28
CA ILE A 59 -7.28 -1.69 14.84
C ILE A 59 -6.01 -2.42 14.45
N SER A 60 -6.15 -3.48 13.66
CA SER A 60 -5.04 -4.30 13.21
C SER A 60 -4.96 -4.18 11.70
N ALA A 61 -3.85 -3.65 11.21
CA ALA A 61 -3.70 -3.34 9.81
C ALA A 61 -2.50 -4.05 9.22
N TYR A 62 -2.65 -4.47 7.97
CA TYR A 62 -1.59 -5.14 7.22
C TYR A 62 -1.38 -4.36 5.95
N GLY A 63 -0.15 -3.87 5.73
CA GLY A 63 0.22 -3.32 4.44
C GLY A 63 0.49 -4.45 3.45
N ALA A 64 0.55 -4.10 2.16
CA ALA A 64 0.68 -5.12 1.12
C ALA A 64 2.13 -5.49 0.85
N ALA A 65 2.33 -6.72 0.38
CA ALA A 65 3.63 -7.20 -0.06
C ALA A 65 4.06 -6.49 -1.35
N GLY A 66 5.38 -6.46 -1.55
CA GLY A 66 5.92 -6.05 -2.83
C GLY A 66 5.85 -7.14 -3.87
N GLY A 67 6.11 -6.75 -5.12
CA GLY A 67 6.16 -7.70 -6.22
C GLY A 67 7.50 -8.42 -6.32
N LYS A 68 7.45 -9.58 -6.98
CA LYS A 68 8.65 -10.32 -7.35
C LYS A 68 9.26 -9.78 -8.62
N GLY A 69 10.58 -9.98 -8.75
CA GLY A 69 11.30 -9.66 -9.96
C GLY A 69 11.45 -10.89 -10.83
N ALA A 70 11.73 -10.70 -12.11
CA ALA A 70 11.72 -11.86 -13.02
C ALA A 70 12.78 -12.90 -12.65
N LYS A 71 13.92 -12.49 -12.09
CA LYS A 71 14.94 -13.43 -11.62
C LYS A 71 15.22 -13.24 -10.13
N ASN A 72 14.18 -12.83 -9.38
CA ASN A 72 14.29 -12.52 -7.95
C ASN A 72 12.91 -12.83 -7.37
N HIS A 73 12.66 -14.13 -7.14
CA HIS A 73 11.31 -14.64 -6.95
C HIS A 73 11.22 -15.67 -5.84
N LEU A 74 12.30 -15.87 -5.08
CA LEU A 74 12.25 -16.85 -4.00
C LEU A 74 11.28 -16.39 -2.91
N SER A 75 11.15 -15.09 -2.70
CA SER A 75 10.13 -14.56 -1.81
C SER A 75 9.83 -13.13 -2.20
N ARG A 76 8.64 -12.66 -1.82
CA ARG A 76 8.26 -11.26 -1.85
C ARG A 76 8.67 -10.61 -0.53
N ALA A 77 8.91 -9.30 -0.55
CA ALA A 77 9.03 -8.55 0.71
C ALA A 77 7.63 -8.39 1.28
N HIS A 78 7.39 -9.01 2.43
CA HIS A 78 6.06 -9.02 3.01
C HIS A 78 5.69 -7.64 3.57
N GLY A 79 4.40 -7.33 3.48
CA GLY A 79 3.90 -6.11 4.08
C GLY A 79 3.91 -6.18 5.59
N VAL A 80 3.80 -5.02 6.21
CA VAL A 80 3.96 -4.92 7.66
C VAL A 80 2.60 -4.95 8.36
N PHE A 81 2.57 -5.65 9.50
CA PHE A 81 1.42 -5.72 10.41
C PHE A 81 1.65 -4.75 11.56
N VAL A 82 0.67 -3.88 11.80
CA VAL A 82 0.68 -2.90 12.89
C VAL A 82 -0.67 -2.92 13.56
N SER A 83 -0.70 -2.98 14.89
CA SER A 83 -1.95 -3.13 15.65
C SER A 83 -1.90 -2.23 16.87
N ALA A 84 -2.96 -1.44 17.09
CA ALA A 84 -2.99 -0.50 18.20
C ALA A 84 -4.43 -0.22 18.62
N ILE A 85 -4.57 0.17 19.89
CA ILE A 85 -5.87 0.49 20.48
C ILE A 85 -6.12 1.99 20.39
N PHE A 86 -7.33 2.36 19.95
CA PHE A 86 -7.78 3.73 19.83
C PHE A 86 -9.11 3.93 20.52
N SER A 87 -9.30 5.14 21.06
CA SER A 87 -10.61 5.61 21.50
C SER A 87 -11.29 6.31 20.32
N LEU A 88 -12.49 5.84 19.96
CA LEU A 88 -13.24 6.37 18.84
C LEU A 88 -14.54 6.95 19.38
N GLY A 89 -15.08 7.93 18.66
CA GLY A 89 -16.16 8.74 19.16
C GLY A 89 -17.53 8.32 18.65
N LEU A 90 -18.54 8.64 19.46
CA LEU A 90 -19.92 8.59 18.99
C LEU A 90 -19.98 9.39 17.70
N GLY A 91 -20.42 8.73 16.63
CA GLY A 91 -20.57 9.37 15.35
C GLY A 91 -19.34 9.43 14.48
N GLU A 92 -18.17 9.09 15.02
CA GLU A 92 -16.90 9.14 14.27
C GLU A 92 -16.99 8.29 13.00
N SER A 93 -16.20 8.67 12.00
N SER A 93 -16.20 8.67 12.00
CA SER A 93 -16.03 7.92 10.77
CA SER A 93 -16.07 7.93 10.76
C SER A 93 -14.56 7.75 10.47
C SER A 93 -14.60 7.77 10.41
N LEU A 94 -14.22 6.55 10.05
CA LEU A 94 -12.85 6.23 9.72
C LEU A 94 -12.71 6.01 8.22
N TYR A 95 -11.62 6.53 7.69
CA TYR A 95 -11.21 6.29 6.32
C TYR A 95 -10.17 5.18 6.34
N ILE A 96 -10.38 4.17 5.49
CA ILE A 96 -9.57 2.96 5.44
C ILE A 96 -9.14 2.76 3.99
N LEU A 97 -7.84 2.83 3.75
CA LEU A 97 -7.25 2.56 2.45
C LEU A 97 -6.48 1.26 2.60
N VAL A 98 -6.96 0.18 1.98
CA VAL A 98 -6.31 -1.12 2.10
C VAL A 98 -5.27 -1.26 0.99
N GLY A 99 -4.02 -1.42 1.38
CA GLY A 99 -2.96 -1.49 0.39
C GLY A 99 -3.08 -2.72 -0.49
N GLN A 100 -2.67 -2.56 -1.75
CA GLN A 100 -2.65 -3.62 -2.75
C GLN A 100 -1.21 -4.01 -3.09
N GLN A 101 -1.06 -5.30 -3.40
CA GLN A 101 0.26 -5.86 -3.69
C GLN A 101 0.94 -5.10 -4.83
N GLY A 102 2.25 -4.92 -4.70
CA GLY A 102 3.00 -4.50 -5.87
C GLY A 102 2.95 -5.57 -6.95
N GLU A 103 2.91 -5.15 -8.21
CA GLU A 103 2.77 -6.12 -9.27
C GLU A 103 4.05 -6.94 -9.42
N ASP A 104 3.86 -8.24 -9.61
CA ASP A 104 4.97 -9.13 -9.95
C ASP A 104 5.40 -8.93 -11.39
N ALA A 105 6.70 -9.11 -11.65
CA ALA A 105 7.19 -9.04 -13.02
C ALA A 105 6.68 -10.20 -13.87
N CYS A 106 6.32 -11.32 -13.24
CA CYS A 106 5.96 -12.54 -13.96
C CYS A 106 4.66 -13.09 -13.40
N PRO A 107 3.70 -13.46 -14.26
CA PRO A 107 3.79 -13.42 -15.72
C PRO A 107 3.81 -12.01 -16.28
N GLY A 108 4.43 -11.83 -17.43
CA GLY A 108 4.49 -10.51 -18.02
C GLY A 108 3.16 -10.07 -18.59
N GLY A 109 2.99 -8.75 -18.69
CA GLY A 109 1.84 -8.14 -19.28
C GLY A 109 1.94 -7.83 -20.75
N SER A 110 2.94 -8.37 -21.44
CA SER A 110 3.09 -8.23 -22.88
C SER A 110 3.85 -9.45 -23.38
N PRO A 111 3.84 -9.71 -24.68
CA PRO A 111 4.62 -10.85 -25.18
C PRO A 111 6.09 -10.78 -24.80
N GLU A 112 6.70 -9.60 -24.94
N GLU A 112 6.71 -9.61 -24.94
CA GLU A 112 8.14 -9.49 -24.72
CA GLU A 112 8.16 -9.51 -24.72
C GLU A 112 8.50 -9.60 -23.24
C GLU A 112 8.49 -9.62 -23.24
N SER A 113 7.69 -9.04 -22.36
CA SER A 113 7.96 -9.20 -20.93
C SER A 113 7.73 -10.64 -20.49
N GLN A 114 6.77 -11.32 -21.10
CA GLN A 114 6.58 -12.73 -20.78
C GLN A 114 7.76 -13.58 -21.25
N LEU A 115 8.37 -13.22 -22.38
CA LEU A 115 9.56 -13.96 -22.81
C LEU A 115 10.68 -13.85 -21.78
N VAL A 116 10.80 -12.70 -21.10
CA VAL A 116 11.78 -12.60 -20.02
C VAL A 116 11.48 -13.62 -18.94
N CYS A 117 10.19 -13.76 -18.59
CA CYS A 117 9.75 -14.70 -17.56
C CYS A 117 9.96 -16.15 -17.94
N LEU A 118 10.13 -16.44 -19.23
CA LEU A 118 10.33 -17.80 -19.71
C LEU A 118 11.79 -18.06 -20.06
N GLY A 119 12.67 -17.09 -19.78
CA GLY A 119 14.07 -17.27 -20.07
C GLY A 119 14.43 -17.18 -21.53
N GLU A 120 13.56 -16.60 -22.34
CA GLU A 120 13.80 -16.43 -23.77
C GLU A 120 14.18 -15.00 -24.11
N SER A 121 14.77 -14.31 -23.13
CA SER A 121 15.23 -12.93 -23.25
C SER A 121 16.63 -12.89 -23.86
N ALA A 143 15.82 -2.04 -20.16
CA ALA A 143 15.32 -1.87 -18.80
C ALA A 143 14.13 -2.78 -18.59
N GLY A 144 13.90 -3.22 -17.35
CA GLY A 144 12.76 -4.05 -17.05
C GLY A 144 13.06 -5.18 -16.09
N GLY A 145 12.03 -5.92 -15.67
CA GLY A 145 12.17 -7.10 -14.86
C GLY A 145 11.91 -6.94 -13.38
N GLY A 146 11.79 -5.71 -12.87
CA GLY A 146 11.57 -5.51 -11.45
C GLY A 146 10.11 -5.68 -11.05
N GLY A 147 9.90 -5.77 -9.74
CA GLY A 147 8.57 -5.78 -9.17
C GLY A 147 8.19 -4.44 -8.55
N GLY A 148 6.90 -4.16 -8.56
CA GLY A 148 6.41 -2.94 -7.97
C GLY A 148 6.41 -2.97 -6.44
N GLY A 149 6.42 -1.79 -5.84
CA GLY A 149 6.27 -1.72 -4.39
C GLY A 149 4.83 -1.95 -3.97
N GLY A 150 4.67 -2.58 -2.79
CA GLY A 150 3.36 -2.75 -2.20
C GLY A 150 2.83 -1.45 -1.62
N GLY A 151 1.51 -1.28 -1.70
CA GLY A 151 0.87 -0.16 -1.04
C GLY A 151 0.79 -0.37 0.47
N ALA A 152 0.89 0.75 1.19
CA ALA A 152 0.60 0.75 2.60
C ALA A 152 -0.90 0.76 2.81
N THR A 153 -1.29 0.34 4.02
CA THR A 153 -2.66 0.42 4.50
C THR A 153 -2.74 1.60 5.47
N TYR A 154 -3.67 2.51 5.19
CA TYR A 154 -3.84 3.74 5.94
C TYR A 154 -5.19 3.74 6.64
N VAL A 155 -5.19 4.08 7.92
CA VAL A 155 -6.41 4.31 8.69
C VAL A 155 -6.32 5.72 9.26
N PHE A 156 -7.31 6.55 8.93
CA PHE A 156 -7.24 7.96 9.27
C PHE A 156 -8.63 8.52 9.48
N ARG A 157 -8.70 9.75 9.97
CA ARG A 157 -9.97 10.44 10.15
C ARG A 157 -9.80 11.87 9.65
N VAL A 158 -10.91 12.61 9.60
CA VAL A 158 -10.89 14.04 9.32
C VAL A 158 -11.24 14.75 10.62
N ARG A 159 -10.41 15.72 11.01
CA ARG A 159 -10.65 16.51 12.21
C ARG A 159 -10.44 17.97 11.82
N ALA A 160 -11.44 18.80 12.04
CA ALA A 160 -11.35 20.23 11.74
C ALA A 160 -10.81 20.45 10.33
N GLY A 161 -11.38 19.71 9.37
CA GLY A 161 -11.06 19.87 7.97
C GLY A 161 -9.72 19.32 7.53
N GLU A 162 -8.98 18.63 8.40
CA GLU A 162 -7.64 18.14 8.10
C GLU A 162 -7.61 16.63 8.28
N LEU A 163 -6.79 15.98 7.48
CA LEU A 163 -6.60 14.55 7.65
C LEU A 163 -5.68 14.28 8.84
N GLU A 164 -6.09 13.36 9.69
CA GLU A 164 -5.34 12.97 10.88
C GLU A 164 -5.04 11.48 10.78
N PRO A 165 -3.78 11.08 10.69
CA PRO A 165 -3.46 9.66 10.60
C PRO A 165 -3.61 8.98 11.94
N LEU A 166 -4.19 7.78 11.92
CA LEU A 166 -4.27 6.95 13.11
C LEU A 166 -3.24 5.83 13.07
N LEU A 167 -3.16 5.11 11.96
CA LEU A 167 -2.27 3.98 11.81
C LEU A 167 -1.91 3.87 10.33
N VAL A 168 -0.63 3.62 10.06
CA VAL A 168 -0.18 3.29 8.70
C VAL A 168 0.68 2.05 8.81
N ALA A 169 0.29 1.00 8.08
CA ALA A 169 1.04 -0.25 8.02
C ALA A 169 1.75 -0.31 6.67
N ALA A 170 3.07 -0.27 6.69
CA ALA A 170 3.84 -0.08 5.46
C ALA A 170 3.75 -1.24 4.47
N GLY A 171 3.90 -0.90 3.19
CA GLY A 171 4.06 -1.90 2.14
C GLY A 171 5.50 -2.33 1.95
N GLY A 172 5.65 -3.54 1.43
CA GLY A 172 6.97 -4.07 1.12
C GLY A 172 7.54 -3.51 -0.18
N GLY A 173 8.87 -3.37 -0.22
CA GLY A 173 9.51 -2.97 -1.46
C GLY A 173 9.45 -4.07 -2.51
N GLY A 174 9.38 -3.66 -3.77
CA GLY A 174 9.48 -4.61 -4.88
C GLY A 174 10.88 -5.17 -5.05
N ARG A 175 10.95 -6.40 -5.53
CA ARG A 175 12.25 -7.01 -5.82
C ARG A 175 12.82 -6.43 -7.11
N ALA A 176 14.15 -6.31 -7.15
CA ALA A 176 14.82 -6.00 -8.41
C ALA A 176 14.75 -7.20 -9.35
N TYR A 177 15.03 -6.95 -10.63
CA TYR A 177 15.11 -8.01 -11.63
C TYR A 177 15.98 -9.16 -11.17
N LEU A 178 17.19 -8.87 -10.71
CA LEU A 178 18.14 -9.89 -10.35
C LEU A 178 18.33 -9.97 -8.84
N ARG A 179 18.54 -11.18 -8.34
CA ARG A 179 18.93 -11.41 -6.96
C ARG A 179 20.42 -11.69 -6.89
N PRO A 180 21.17 -11.02 -6.01
CA PRO A 180 22.58 -11.41 -5.83
C PRO A 180 22.73 -12.79 -5.21
N PRO A 200 8.29 14.05 9.23
CA PRO A 200 7.83 14.29 7.87
C PRO A 200 7.25 13.02 7.29
N GLY A 201 6.21 13.16 6.49
CA GLY A 201 5.64 12.01 5.82
C GLY A 201 6.09 12.02 4.38
N SER A 202 7.41 12.04 4.18
CA SER A 202 8.02 12.23 2.86
C SER A 202 7.93 10.97 2.01
N GLY A 203 8.10 11.16 0.71
CA GLY A 203 8.19 10.03 -0.20
C GLY A 203 9.60 9.49 -0.28
N GLY A 204 9.71 8.29 -0.82
CA GLY A 204 11.02 7.72 -1.00
C GLY A 204 11.75 8.33 -2.18
N ARG A 205 13.07 8.26 -2.11
N ARG A 205 13.08 8.25 -2.11
CA ARG A 205 13.90 8.59 -3.26
CA ARG A 205 13.90 8.58 -3.25
C ARG A 205 13.71 7.55 -4.35
C ARG A 205 13.72 7.54 -4.35
N GLY A 206 14.16 7.89 -5.56
CA GLY A 206 14.07 6.95 -6.66
C GLY A 206 14.47 7.64 -7.95
N GLY A 207 14.04 7.02 -9.06
CA GLY A 207 14.34 7.53 -10.39
C GLY A 207 13.52 6.77 -11.39
N ALA A 208 14.19 5.96 -12.24
CA ALA A 208 13.46 5.07 -13.13
C ALA A 208 12.55 4.13 -12.34
N ALA A 209 13.07 3.51 -11.29
CA ALA A 209 12.23 2.82 -10.32
C ALA A 209 11.71 3.84 -9.32
N GLY A 210 10.43 3.77 -9.01
CA GLY A 210 9.79 4.78 -8.20
C GLY A 210 9.87 4.49 -6.71
N GLY A 211 10.15 5.55 -5.95
CA GLY A 211 10.05 5.46 -4.52
C GLY A 211 8.60 5.37 -4.09
N GLY A 212 8.39 4.90 -2.85
CA GLY A 212 7.05 4.84 -2.32
C GLY A 212 6.50 6.22 -1.97
N GLY A 213 5.16 6.32 -1.98
CA GLY A 213 4.50 7.49 -1.47
C GLY A 213 4.44 7.48 0.05
N GLY A 214 4.49 8.68 0.63
CA GLY A 214 4.31 8.87 2.03
C GLY A 214 2.95 9.46 2.35
N TRP A 215 2.82 9.92 3.59
CA TRP A 215 1.58 10.55 4.03
C TRP A 215 1.35 11.88 3.32
N THR A 216 2.39 12.69 3.11
N THR A 216 2.40 12.67 3.13
CA THR A 216 2.21 14.04 2.58
CA THR A 216 2.30 14.04 2.65
C THR A 216 3.19 14.37 1.44
C THR A 216 2.91 14.25 1.27
N SER A 217 3.79 13.36 0.83
CA SER A 217 4.70 13.61 -0.27
C SER A 217 4.07 14.09 -1.58
N ARG A 218 4.91 14.73 -2.40
N ARG A 218 4.90 14.71 -2.42
CA ARG A 218 4.56 15.11 -3.76
CA ARG A 218 4.50 15.10 -3.77
C ARG A 218 5.30 14.18 -4.72
C ARG A 218 5.29 14.27 -4.77
N ALA A 219 4.58 13.62 -5.68
CA ALA A 219 5.20 12.66 -6.61
C ALA A 219 6.06 13.39 -7.63
N PRO A 220 7.37 13.07 -7.73
CA PRO A 220 8.25 13.78 -8.67
C PRO A 220 8.27 13.21 -10.07
N SER A 221 7.60 12.08 -10.28
CA SER A 221 7.61 11.37 -11.55
C SER A 221 6.40 10.46 -11.59
N PRO A 222 6.06 9.94 -12.77
CA PRO A 222 4.92 9.03 -12.87
C PRO A 222 5.17 7.70 -12.19
N GLN A 223 6.44 7.32 -11.96
N GLN A 223 6.43 7.31 -11.97
CA GLN A 223 6.73 6.05 -11.31
CA GLN A 223 6.71 6.04 -11.32
C GLN A 223 6.64 6.14 -9.79
C GLN A 223 6.70 6.12 -9.80
N ALA A 224 6.76 7.32 -9.22
CA ALA A 224 6.71 7.43 -7.77
C ALA A 224 5.31 7.08 -7.28
N GLY A 225 5.23 6.38 -6.15
CA GLY A 225 3.93 6.17 -5.54
C GLY A 225 3.33 7.50 -5.11
N ARG A 226 2.03 7.65 -5.29
CA ARG A 226 1.37 8.87 -4.87
C ARG A 226 1.23 8.88 -3.36
N SER A 227 1.22 10.08 -2.80
CA SER A 227 1.06 10.21 -1.37
C SER A 227 -0.39 10.03 -1.01
N LEU A 228 -0.62 9.82 0.27
CA LEU A 228 -1.99 9.68 0.73
C LEU A 228 -2.78 10.92 0.36
N GLN A 229 -2.21 12.12 0.57
N GLN A 229 -2.20 12.11 0.56
CA GLN A 229 -2.90 13.35 0.22
CA GLN A 229 -2.90 13.35 0.22
C GLN A 229 -3.29 13.41 -1.25
C GLN A 229 -3.26 13.43 -1.26
N GLU A 230 -2.49 12.77 -2.12
CA GLU A 230 -2.71 12.77 -3.56
C GLU A 230 -3.63 11.65 -4.04
N GLY A 231 -4.17 10.83 -3.15
CA GLY A 231 -5.00 9.70 -3.54
C GLY A 231 -4.30 8.35 -3.57
N ALA A 232 -2.99 8.32 -3.36
CA ALA A 232 -2.25 7.10 -3.06
C ALA A 232 -2.27 6.06 -4.17
N GLU A 233 -2.52 6.43 -5.42
CA GLU A 233 -2.39 5.40 -6.46
C GLU A 233 -0.95 4.92 -6.58
N GLY A 234 -0.81 3.66 -6.97
CA GLY A 234 0.51 3.13 -7.23
C GLY A 234 1.16 3.84 -8.39
N GLY A 235 2.49 3.89 -8.37
CA GLY A 235 3.22 4.43 -9.49
C GLY A 235 3.14 3.51 -10.71
N GLN A 236 3.24 4.12 -11.89
CA GLN A 236 3.37 3.35 -13.11
C GLN A 236 4.78 2.78 -13.24
N GLY A 237 4.89 1.65 -13.93
CA GLY A 237 6.20 1.17 -14.31
C GLY A 237 6.92 2.16 -15.21
N CYS A 238 8.24 2.06 -15.22
CA CYS A 238 9.04 3.07 -15.88
C CYS A 238 8.84 3.07 -17.40
N SER A 239 8.93 4.28 -17.98
CA SER A 239 8.74 4.42 -19.41
C SER A 239 9.80 3.67 -20.21
N GLU A 240 11.04 3.58 -19.71
CA GLU A 240 12.09 2.88 -20.44
C GLU A 240 11.75 1.39 -20.61
N ALA A 241 11.17 0.78 -19.58
CA ALA A 241 10.79 -0.62 -19.67
C ALA A 241 9.55 -0.80 -20.53
N TRP A 242 8.58 0.10 -20.43
CA TRP A 242 7.46 0.07 -21.36
C TRP A 242 7.97 0.12 -22.81
N ALA A 243 9.03 0.89 -23.06
CA ALA A 243 9.58 0.99 -24.40
C ALA A 243 10.39 -0.25 -24.79
N THR A 244 11.08 -0.87 -23.83
CA THR A 244 11.91 -2.05 -24.08
C THR A 244 11.06 -3.31 -24.24
N LEU A 245 10.11 -3.52 -23.34
CA LEU A 245 9.43 -4.79 -23.24
C LEU A 245 7.93 -4.71 -23.49
N GLY A 246 7.38 -3.52 -23.62
CA GLY A 246 5.96 -3.36 -23.89
C GLY A 246 5.07 -3.43 -22.69
N TRP A 247 5.64 -3.44 -21.48
CA TRP A 247 4.90 -3.53 -20.23
C TRP A 247 5.92 -3.38 -19.10
N ALA A 248 5.46 -2.92 -17.94
CA ALA A 248 6.27 -2.90 -16.73
C ALA A 248 5.35 -2.95 -15.52
N ALA A 249 5.82 -3.60 -14.45
CA ALA A 249 5.03 -3.76 -13.24
C ALA A 249 4.80 -2.43 -12.53
N ALA A 250 3.56 -2.20 -12.12
CA ALA A 250 3.17 -1.01 -11.38
C ALA A 250 3.23 -1.26 -9.87
N GLY A 251 3.29 -0.14 -9.12
CA GLY A 251 3.14 -0.24 -7.68
C GLY A 251 1.68 -0.41 -7.29
N GLY A 252 1.47 -0.91 -6.07
CA GLY A 252 0.12 -1.12 -5.58
C GLY A 252 -0.51 0.12 -4.98
N PHE A 253 -1.83 0.22 -5.15
CA PHE A 253 -2.64 1.20 -4.47
C PHE A 253 -2.23 1.26 -3.01
N GLY A 254 -2.13 2.49 -2.50
CA GLY A 254 -1.49 2.74 -1.22
C GLY A 254 -0.07 3.24 -1.31
N GLY A 255 0.33 3.80 -2.45
CA GLY A 255 1.61 4.47 -2.54
C GLY A 255 2.78 3.61 -2.98
N GLY A 256 2.57 2.40 -3.47
CA GLY A 256 3.70 1.62 -3.95
C GLY A 256 4.31 2.26 -5.19
N GLY A 257 5.64 2.20 -5.30
CA GLY A 257 6.31 2.73 -6.47
C GLY A 257 6.36 1.74 -7.63
N GLY A 258 6.38 2.28 -8.85
CA GLY A 258 6.51 1.44 -10.01
C GLY A 258 7.89 0.84 -10.16
N ALA A 259 7.94 -0.32 -10.80
CA ALA A 259 9.19 -0.98 -11.09
C ALA A 259 9.88 -0.39 -12.31
N CYS A 260 11.18 -0.65 -12.39
CA CYS A 260 11.87 -0.56 -13.68
C CYS A 260 12.71 -1.84 -13.77
N THR A 261 14.02 -1.75 -13.66
CA THR A 261 14.87 -2.92 -13.46
C THR A 261 15.01 -3.14 -11.95
N ALA A 262 15.38 -2.09 -11.23
CA ALA A 262 15.27 -2.09 -9.79
C ALA A 262 13.81 -2.15 -9.38
N GLY A 263 13.58 -2.53 -8.12
CA GLY A 263 12.23 -2.63 -7.59
C GLY A 263 11.68 -1.31 -7.04
N GLY A 264 10.35 -1.22 -7.05
CA GLY A 264 9.71 -0.03 -6.51
C GLY A 264 9.72 0.01 -4.98
N GLY A 265 9.69 1.22 -4.43
CA GLY A 265 9.63 1.35 -2.98
C GLY A 265 8.22 1.11 -2.45
N GLY A 266 8.15 0.61 -1.22
CA GLY A 266 6.86 0.43 -0.58
C GLY A 266 6.24 1.74 -0.11
N GLY A 267 4.90 1.78 -0.11
CA GLY A 267 4.22 2.91 0.49
C GLY A 267 4.34 2.90 2.00
N GLY A 268 4.12 4.07 2.61
CA GLY A 268 4.08 4.14 4.05
C GLY A 268 3.70 5.52 4.53
N TYR A 269 3.90 5.73 5.83
CA TYR A 269 3.87 7.10 6.35
C TYR A 269 5.02 7.89 5.78
N ARG A 270 6.20 7.27 5.71
CA ARG A 270 7.26 7.68 4.80
C ARG A 270 7.42 6.56 3.79
N GLY A 271 7.57 6.92 2.52
CA GLY A 271 7.74 5.90 1.48
C GLY A 271 9.15 5.33 1.47
N GLY A 272 9.25 4.08 1.02
CA GLY A 272 10.54 3.45 0.89
C GLY A 272 11.31 3.98 -0.30
N ASP A 273 12.63 4.06 -0.14
CA ASP A 273 13.49 4.49 -1.21
C ASP A 273 13.64 3.38 -2.25
N ALA A 274 13.74 3.81 -3.50
CA ALA A 274 14.15 2.96 -4.61
C ALA A 274 15.51 3.42 -5.13
N SER A 275 16.13 2.57 -5.94
CA SER A 275 17.41 2.90 -6.54
C SER A 275 17.29 4.19 -7.34
N GLU A 276 18.33 4.99 -7.30
CA GLU A 276 18.39 6.18 -8.13
C GLU A 276 19.13 5.93 -9.44
N THR A 277 19.60 4.70 -9.67
CA THR A 277 20.37 4.37 -10.86
C THR A 277 19.84 3.14 -11.59
N ASP A 278 18.64 2.69 -11.26
CA ASP A 278 18.01 1.52 -11.88
C ASP A 278 18.91 0.29 -11.77
N ASN A 279 19.56 0.16 -10.63
CA ASN A 279 20.51 -0.93 -10.41
C ASN A 279 19.83 -2.29 -10.49
N LEU A 280 20.51 -3.23 -11.18
CA LEU A 280 19.94 -4.53 -11.52
C LEU A 280 19.56 -5.35 -10.30
N TRP A 281 20.20 -5.11 -9.16
CA TRP A 281 20.04 -5.93 -7.96
C TRP A 281 19.39 -5.19 -6.80
N ALA A 282 18.93 -3.96 -7.02
CA ALA A 282 18.48 -3.09 -5.93
C ALA A 282 16.98 -3.28 -5.66
N ASP A 283 16.65 -4.10 -4.65
CA ASP A 283 15.28 -4.18 -4.19
C ASP A 283 14.84 -2.81 -3.65
N GLY A 284 13.58 -2.47 -3.85
CA GLY A 284 13.04 -1.31 -3.17
C GLY A 284 12.98 -1.52 -1.67
N GLU A 285 13.07 -0.42 -0.93
CA GLU A 285 12.90 -0.45 0.50
C GLU A 285 11.42 -0.54 0.87
N ASP A 286 11.15 -1.17 2.01
CA ASP A 286 9.80 -1.10 2.57
C ASP A 286 9.50 0.33 3.02
N GLY A 287 8.22 0.65 3.09
CA GLY A 287 7.81 1.91 3.69
C GLY A 287 8.02 1.91 5.21
N VAL A 288 7.77 3.07 5.81
CA VAL A 288 7.85 3.27 7.26
C VAL A 288 6.44 3.34 7.80
N SER A 289 6.15 2.57 8.85
CA SER A 289 4.85 2.52 9.47
C SER A 289 4.68 3.64 10.50
N PHE A 290 3.46 3.79 11.00
CA PHE A 290 3.12 4.89 11.91
C PHE A 290 1.99 4.45 12.83
N ILE A 291 2.07 4.86 14.10
CA ILE A 291 0.90 4.89 14.97
C ILE A 291 0.80 6.26 15.64
N HIS A 292 -0.43 6.71 15.82
CA HIS A 292 -0.63 8.03 16.40
C HIS A 292 -0.04 8.06 17.80
N PRO A 293 0.58 9.18 18.19
CA PRO A 293 1.24 9.25 19.52
C PRO A 293 0.30 9.03 20.70
N SER A 294 -1.01 9.16 20.52
N SER A 294 -1.01 9.16 20.50
CA SER A 294 -1.94 8.95 21.63
CA SER A 294 -1.99 8.95 21.57
C SER A 294 -2.48 7.53 21.72
C SER A 294 -2.30 7.48 21.83
N SER A 295 -2.03 6.60 20.87
CA SER A 295 -2.57 5.25 20.86
C SER A 295 -1.65 4.24 21.56
N GLU A 296 -2.20 3.06 21.86
N GLU A 296 -2.19 3.05 21.86
CA GLU A 296 -1.47 2.00 22.56
CA GLU A 296 -1.45 2.00 22.55
C GLU A 296 -1.17 0.86 21.59
C GLU A 296 -1.16 0.85 21.59
N LEU A 297 0.10 0.78 21.14
CA LEU A 297 0.60 -0.31 20.32
C LEU A 297 0.52 -1.66 21.00
N PHE A 298 -0.19 -2.55 20.36
CA PHE A 298 -0.70 -3.72 21.02
C PHE A 298 0.25 -4.89 20.87
N LEU A 299 0.85 -5.04 19.68
CA LEU A 299 1.71 -6.17 19.32
C LEU A 299 2.93 -5.62 18.60
N GLN A 300 4.01 -6.39 18.64
CA GLN A 300 5.20 -6.05 17.88
C GLN A 300 4.87 -6.02 16.39
N PRO A 301 5.26 -4.98 15.66
CA PRO A 301 5.08 -5.02 14.20
C PRO A 301 5.95 -6.11 13.58
N LEU A 302 5.39 -6.76 12.55
CA LEU A 302 6.02 -7.88 11.88
C LEU A 302 5.84 -7.77 10.38
N ALA A 303 6.81 -8.24 9.61
CA ALA A 303 6.67 -8.31 8.15
C ALA A 303 6.03 -9.66 7.82
N VAL A 304 4.72 -9.66 7.58
CA VAL A 304 3.99 -10.92 7.44
C VAL A 304 3.00 -10.97 6.29
N THR A 305 2.60 -9.83 5.73
CA THR A 305 1.55 -9.87 4.70
C THR A 305 2.06 -10.54 3.43
N GLU A 306 1.34 -11.57 2.98
CA GLU A 306 1.79 -12.35 1.84
C GLU A 306 1.46 -11.70 0.50
N ASN A 307 0.30 -11.04 0.38
CA ASN A 307 -0.16 -10.50 -0.89
C ASN A 307 -0.80 -9.13 -0.64
N HIS A 308 -2.12 -9.02 -0.69
CA HIS A 308 -2.75 -7.73 -0.43
C HIS A 308 -2.89 -7.47 1.08
N GLY A 309 -3.07 -6.19 1.41
CA GLY A 309 -3.30 -5.76 2.77
C GLY A 309 -4.71 -6.09 3.24
N GLU A 310 -4.99 -5.72 4.49
CA GLU A 310 -6.28 -5.93 5.12
C GLU A 310 -6.33 -5.14 6.43
N VAL A 311 -7.54 -4.89 6.93
CA VAL A 311 -7.71 -4.29 8.25
C VAL A 311 -8.76 -5.09 8.99
N GLU A 312 -8.53 -5.34 10.27
CA GLU A 312 -9.57 -5.86 11.15
C GLU A 312 -9.72 -4.91 12.33
N ILE A 313 -10.96 -4.55 12.63
CA ILE A 313 -11.30 -3.72 13.76
C ILE A 313 -12.18 -4.53 14.69
N ARG A 314 -11.93 -4.42 16.00
CA ARG A 314 -12.78 -5.09 16.97
C ARG A 314 -12.85 -4.26 18.24
N ARG A 315 -13.95 -4.39 18.99
CA ARG A 315 -14.07 -3.73 20.27
C ARG A 315 -13.13 -4.36 21.30
N HIS A 316 -12.24 -3.54 21.86
CA HIS A 316 -11.15 -4.01 22.73
C HIS A 316 -10.43 -2.77 23.25
N GLY A 317 -10.00 -2.79 24.51
CA GLY A 317 -9.42 -1.59 25.07
C GLY A 317 -8.41 -1.82 26.17
N THR A 318 -7.96 -0.75 26.80
CA THR A 318 -7.02 -0.83 27.90
C THR A 318 -7.67 -1.33 29.20
N ASP A 319 -8.99 -1.58 29.17
CA ASP A 319 -9.65 -2.27 30.26
C ASP A 319 -9.27 -3.73 30.33
N GLU A 320 -8.70 -4.27 29.26
CA GLU A 320 -8.29 -5.65 29.18
C GLU A 320 -6.82 -5.77 29.56
N VAL A 321 -6.44 -6.93 30.12
CA VAL A 321 -5.03 -7.17 30.41
C VAL A 321 -4.26 -7.69 29.21
N ASP A 322 -4.95 -8.22 28.19
CA ASP A 322 -4.30 -8.82 27.03
C ASP A 322 -4.94 -8.26 25.76
#